data_4GYM
#
_entry.id   4GYM
#
_cell.length_a   58.943
_cell.length_b   58.943
_cell.length_c   164.990
_cell.angle_alpha   90.000
_cell.angle_beta   90.000
_cell.angle_gamma   90.000
#
_symmetry.space_group_name_H-M   'P 43 21 2'
#
loop_
_entity.id
_entity.type
_entity.pdbx_description
1 polymer 'Glyoxalase/bleomycin resistance protein/dioxygenase'
2 non-polymer 'POTASSIUM ION'
3 non-polymer 'SODIUM ION'
4 non-polymer 2-AMINO-2-HYDROXYMETHYL-PROPANE-1,3-DIOL
5 water water
#
_entity_poly.entity_id   1
_entity_poly.type   'polypeptide(L)'
_entity_poly.pdbx_seq_one_letter_code
;SNA(MSE)ASQSRLTFVNLPVADVAASQAFFGTLGFEFNPKFTDESCAC(MSE)VVSEQAFV(MSE)LIDRARFADFTSK
PIADATATTEAIVCVSAIDRDDVDRFADTALGAGGTVARDP(MSE)DYGF(MSE)YGRSFHDLDGHLWEV(MSE)W
(MSE)SAEAVEQGPAD(MSE)AQPV
;
_entity_poly.pdbx_strand_id   A,B
#
# COMPACT_ATOMS: atom_id res chain seq x y z
N GLN A 7 15.61 6.26 8.07
CA GLN A 7 14.77 5.93 9.24
C GLN A 7 13.43 5.32 8.78
N SER A 8 12.79 4.56 9.65
CA SER A 8 11.43 4.04 9.39
C SER A 8 10.47 5.21 9.15
N ARG A 9 9.60 5.03 8.18
CA ARG A 9 8.47 5.93 7.89
C ARG A 9 7.19 5.13 8.10
N LEU A 10 6.10 5.82 8.43
CA LEU A 10 4.77 5.20 8.37
C LEU A 10 4.32 5.06 6.90
N THR A 11 3.46 4.08 6.65
CA THR A 11 2.93 3.78 5.32
C THR A 11 1.42 3.91 5.32
N PHE A 12 0.90 4.66 4.35
CA PHE A 12 -0.57 4.79 4.18
C PHE A 12 -0.89 4.38 2.77
N VAL A 13 -1.57 3.26 2.60
CA VAL A 13 -1.92 2.78 1.26
C VAL A 13 -3.32 3.32 0.96
N ASN A 14 -3.44 4.22 -0.01
CA ASN A 14 -4.74 4.85 -0.29
C ASN A 14 -5.44 4.14 -1.43
N LEU A 15 -6.64 3.64 -1.16
CA LEU A 15 -7.40 2.90 -2.16
C LEU A 15 -8.73 3.57 -2.38
N PRO A 16 -9.12 3.76 -3.63
CA PRO A 16 -10.46 4.34 -3.92
C PRO A 16 -11.57 3.31 -3.74
N VAL A 17 -12.67 3.71 -3.13
CA VAL A 17 -13.80 2.81 -2.91
C VAL A 17 -15.10 3.50 -3.28
N ALA A 18 -16.08 2.72 -3.76
CA ALA A 18 -17.37 3.29 -4.13
C ALA A 18 -18.21 3.68 -2.92
N ASP A 19 -18.07 2.92 -1.82
CA ASP A 19 -18.95 3.08 -0.65
C ASP A 19 -18.06 2.86 0.57
N VAL A 20 -17.66 3.96 1.20
CA VAL A 20 -16.78 3.92 2.38
C VAL A 20 -17.39 3.07 3.49
N ALA A 21 -18.67 3.29 3.78
CA ALA A 21 -19.30 2.51 4.84
C ALA A 21 -19.28 1.01 4.55
N ALA A 22 -19.53 0.63 3.30
CA ALA A 22 -19.54 -0.81 2.95
C ALA A 22 -18.12 -1.37 3.10
N SER A 23 -17.12 -0.58 2.70
CA SER A 23 -15.73 -1.05 2.76
C SER A 23 -15.28 -1.18 4.20
N GLN A 24 -15.62 -0.19 5.00
CA GLN A 24 -15.28 -0.21 6.42
C GLN A 24 -15.91 -1.43 7.09
N ALA A 25 -17.16 -1.76 6.75
CA ALA A 25 -17.80 -2.97 7.31
C ALA A 25 -17.07 -4.26 6.85
N PHE A 26 -16.71 -4.32 5.58
CA PHE A 26 -15.99 -5.49 5.03
C PHE A 26 -14.70 -5.76 5.80
N PHE A 27 -13.87 -4.72 5.91
CA PHE A 27 -12.61 -4.86 6.63
C PHE A 27 -12.76 -5.03 8.13
N GLY A 28 -13.82 -4.46 8.72
CA GLY A 28 -14.12 -4.74 10.12
C GLY A 28 -14.42 -6.23 10.33
N THR A 29 -15.14 -6.82 9.39
CA THR A 29 -15.48 -8.24 9.44
C THR A 29 -14.21 -9.12 9.39
N LEU A 30 -13.20 -8.63 8.66
CA LEU A 30 -11.88 -9.27 8.64
C LEU A 30 -11.06 -9.07 9.93
N GLY A 31 -11.54 -8.23 10.83
CA GLY A 31 -10.88 -8.04 12.13
C GLY A 31 -10.02 -6.80 12.23
N PHE A 32 -10.04 -5.96 11.20
CA PHE A 32 -9.30 -4.68 11.27
C PHE A 32 -10.01 -3.63 12.11
N GLU A 33 -9.23 -2.90 12.91
CA GLU A 33 -9.67 -1.71 13.66
C GLU A 33 -9.53 -0.49 12.78
N PHE A 34 -10.30 0.57 13.09
CA PHE A 34 -10.19 1.84 12.36
C PHE A 34 -9.82 2.97 13.32
N ASN A 35 -9.02 3.92 12.85
CA ASN A 35 -8.73 5.07 13.68
C ASN A 35 -9.82 6.13 13.51
N PRO A 36 -10.61 6.38 14.58
CA PRO A 36 -11.72 7.31 14.43
C PRO A 36 -11.30 8.73 14.06
N LYS A 37 -10.09 9.13 14.44
CA LYS A 37 -9.61 10.49 14.17
C LYS A 37 -9.30 10.75 12.70
N PHE A 38 -9.12 9.66 11.95
CA PHE A 38 -8.85 9.72 10.51
C PHE A 38 -9.96 9.06 9.69
N THR A 39 -11.12 8.90 10.31
CA THR A 39 -12.25 8.23 9.67
C THR A 39 -13.47 9.16 9.65
N ASP A 40 -14.04 9.33 8.46
CA ASP A 40 -15.27 10.12 8.32
C ASP A 40 -16.07 9.56 7.13
N GLU A 41 -17.05 10.31 6.62
CA GLU A 41 -17.90 9.77 5.55
C GLU A 41 -17.12 9.50 4.27
N SER A 42 -16.04 10.24 4.07
CA SER A 42 -15.31 10.12 2.80
C SER A 42 -14.01 9.32 2.88
N CYS A 43 -13.63 8.88 4.08
CA CYS A 43 -12.36 8.15 4.25
C CYS A 43 -12.43 7.31 5.48
N ALA A 44 -12.02 6.04 5.40
CA ALA A 44 -11.88 5.23 6.62
C ALA A 44 -10.45 4.75 6.76
N CYS A 45 -9.89 4.97 7.94
CA CYS A 45 -8.48 4.67 8.22
C CYS A 45 -8.32 3.31 8.86
N VAL A 47 -6.45 0.19 10.32
CA VAL A 47 -5.17 0.02 11.00
C VAL A 47 -4.67 -1.40 10.70
N VAL A 48 -3.47 -1.53 10.14
CA VAL A 48 -2.87 -2.84 9.94
C VAL A 48 -1.84 -3.14 11.02
N SER A 49 -1.03 -2.13 11.35
CA SER A 49 -0.14 -2.19 12.49
C SER A 49 0.10 -0.75 12.95
N GLU A 50 0.99 -0.56 13.95
CA GLU A 50 1.38 0.80 14.36
C GLU A 50 2.02 1.58 13.21
N GLN A 51 2.54 0.87 12.20
CA GLN A 51 3.33 1.55 11.18
C GLN A 51 2.69 1.50 9.80
N ALA A 52 1.50 0.94 9.66
CA ALA A 52 0.88 0.86 8.34
C ALA A 52 -0.61 0.90 8.41
N PHE A 53 -1.19 1.66 7.48
CA PHE A 53 -2.63 1.94 7.46
C PHE A 53 -3.11 1.85 6.04
N VAL A 54 -4.37 1.48 5.88
CA VAL A 54 -4.95 1.47 4.55
C VAL A 54 -6.11 2.48 4.59
N LEU A 56 -9.28 3.97 3.04
CA LEU A 56 -10.37 3.65 2.12
C LEU A 56 -11.08 4.94 1.78
N ILE A 57 -10.86 5.44 0.57
CA ILE A 57 -11.22 6.81 0.24
C ILE A 57 -12.33 6.83 -0.80
N ASP A 58 -13.42 7.54 -0.52
CA ASP A 58 -14.48 7.67 -1.50
C ASP A 58 -13.93 8.13 -2.85
N ARG A 59 -14.38 7.50 -3.95
CA ARG A 59 -13.86 7.80 -5.28
C ARG A 59 -13.84 9.32 -5.61
N ALA A 60 -14.88 10.05 -5.24
CA ALA A 60 -14.92 11.49 -5.56
C ALA A 60 -13.83 12.28 -4.84
N ARG A 61 -13.49 11.87 -3.63
CA ARG A 61 -12.38 12.49 -2.90
C ARG A 61 -11.03 12.02 -3.48
N PHE A 62 -10.92 10.73 -3.78
CA PHE A 62 -9.68 10.17 -4.32
C PHE A 62 -9.27 10.86 -5.63
N ALA A 63 -10.28 11.22 -6.44
CA ALA A 63 -10.06 11.87 -7.72
C ALA A 63 -9.30 13.19 -7.57
N ASP A 64 -9.42 13.84 -6.40
CA ASP A 64 -8.65 15.09 -6.14
C ASP A 64 -7.12 14.86 -6.05
N PHE A 65 -6.70 13.60 -5.83
CA PHE A 65 -5.29 13.32 -5.53
C PHE A 65 -4.51 12.91 -6.76
N THR A 66 -5.21 12.74 -7.88
CA THR A 66 -4.51 12.29 -9.08
C THR A 66 -5.00 12.99 -10.31
N SER A 67 -4.12 13.23 -11.25
CA SER A 67 -4.55 13.81 -12.54
C SER A 67 -5.03 12.76 -13.55
N LYS A 68 -4.89 11.49 -13.20
CA LYS A 68 -5.32 10.39 -14.05
C LYS A 68 -6.70 9.89 -13.64
N PRO A 69 -7.48 9.35 -14.60
CA PRO A 69 -8.74 8.69 -14.20
C PRO A 69 -8.49 7.54 -13.23
N ILE A 70 -9.46 7.29 -12.36
CA ILE A 70 -9.37 6.20 -11.43
C ILE A 70 -9.51 4.88 -12.16
N ALA A 71 -8.61 3.95 -11.85
CA ALA A 71 -8.61 2.64 -12.48
C ALA A 71 -9.83 1.82 -12.08
N ASP A 72 -10.27 0.94 -12.96
CA ASP A 72 -11.28 -0.05 -12.58
C ASP A 72 -10.53 -1.30 -12.17
N ALA A 73 -10.47 -1.60 -10.86
CA ALA A 73 -9.65 -2.73 -10.37
C ALA A 73 -10.23 -4.09 -10.74
N THR A 74 -11.48 -4.09 -11.23
CA THR A 74 -12.07 -5.34 -11.73
C THR A 74 -11.62 -5.61 -13.17
N ALA A 75 -10.99 -4.61 -13.78
CA ALA A 75 -10.57 -4.74 -15.19
C ALA A 75 -9.06 -4.79 -15.35
N THR A 76 -8.34 -4.11 -14.46
CA THR A 76 -6.87 -4.08 -14.51
C THR A 76 -6.30 -4.10 -13.11
N THR A 77 -5.06 -4.58 -12.95
CA THR A 77 -4.41 -4.61 -11.62
C THR A 77 -3.18 -3.75 -11.66
N GLU A 78 -3.11 -2.73 -10.79
CA GLU A 78 -1.89 -1.92 -10.64
C GLU A 78 -1.11 -2.32 -9.41
N ALA A 79 -1.83 -2.77 -8.38
CA ALA A 79 -1.18 -2.99 -7.08
C ALA A 79 -1.86 -4.14 -6.40
N ILE A 80 -1.12 -4.83 -5.53
CA ILE A 80 -1.70 -5.88 -4.69
C ILE A 80 -1.25 -5.59 -3.26
N VAL A 81 -2.17 -5.64 -2.30
CA VAL A 81 -1.84 -5.46 -0.89
C VAL A 81 -1.83 -6.82 -0.21
N CYS A 82 -0.68 -7.18 0.36
CA CYS A 82 -0.54 -8.45 1.09
C CYS A 82 -0.36 -8.15 2.54
N VAL A 83 -1.11 -8.87 3.38
CA VAL A 83 -0.91 -8.81 4.82
C VAL A 83 -0.44 -10.16 5.33
N SER A 84 0.42 -10.14 6.35
CA SER A 84 0.90 -11.38 6.93
C SER A 84 -0.15 -12.05 7.79
N ALA A 85 0.07 -13.33 8.04
CA ALA A 85 -0.82 -14.14 8.88
C ALA A 85 0.02 -14.89 9.87
N ILE A 86 -0.60 -15.22 11.01
CA ILE A 86 0.13 -15.77 12.13
C ILE A 86 0.37 -17.28 11.97
N ASP A 87 -0.53 -17.93 11.23
CA ASP A 87 -0.44 -19.36 10.94
C ASP A 87 -1.35 -19.73 9.76
N ARG A 88 -1.33 -21.00 9.36
CA ARG A 88 -2.12 -21.45 8.23
C ARG A 88 -3.63 -21.25 8.48
N ASP A 89 -4.07 -21.50 9.71
CA ASP A 89 -5.48 -21.31 10.02
C ASP A 89 -5.90 -19.84 9.89
N ASP A 90 -5.01 -18.91 10.25
CA ASP A 90 -5.27 -17.48 10.05
C ASP A 90 -5.44 -17.14 8.55
N VAL A 91 -4.58 -17.72 7.70
CA VAL A 91 -4.71 -17.51 6.25
C VAL A 91 -6.10 -17.94 5.77
N ASP A 92 -6.51 -19.15 6.16
CA ASP A 92 -7.79 -19.69 5.72
C ASP A 92 -8.97 -18.92 6.29
N ARG A 93 -8.89 -18.57 7.57
CA ARG A 93 -9.98 -17.83 8.21
C ARG A 93 -10.17 -16.45 7.57
N PHE A 94 -9.05 -15.75 7.35
CA PHE A 94 -9.08 -14.43 6.74
C PHE A 94 -9.66 -14.50 5.33
N ALA A 95 -9.08 -15.39 4.49
CA ALA A 95 -9.58 -15.51 3.11
C ALA A 95 -11.03 -16.01 3.01
N ASP A 96 -11.39 -17.05 3.78
CA ASP A 96 -12.77 -17.52 3.80
C ASP A 96 -13.73 -16.42 4.25
N THR A 97 -13.33 -15.65 5.26
CA THR A 97 -14.16 -14.54 5.73
C THR A 97 -14.35 -13.48 4.67
N ALA A 98 -13.27 -13.16 3.95
CA ALA A 98 -13.34 -12.18 2.88
C ALA A 98 -14.31 -12.61 1.81
N LEU A 99 -14.22 -13.87 1.41
CA LEU A 99 -15.10 -14.40 0.36
C LEU A 99 -16.55 -14.40 0.82
N GLY A 100 -16.78 -14.71 2.10
CA GLY A 100 -18.15 -14.75 2.63
C GLY A 100 -18.74 -13.35 2.81
N ALA A 101 -17.87 -12.34 2.85
CA ALA A 101 -18.27 -10.95 3.09
C ALA A 101 -18.46 -10.16 1.79
N GLY A 102 -18.35 -10.85 0.65
CA GLY A 102 -18.61 -10.27 -0.66
C GLY A 102 -17.39 -10.21 -1.56
N GLY A 103 -16.23 -10.63 -1.04
CA GLY A 103 -15.01 -10.70 -1.85
C GLY A 103 -15.13 -11.79 -2.89
N THR A 104 -14.25 -11.77 -3.88
CA THR A 104 -14.30 -12.76 -4.96
C THR A 104 -12.93 -13.41 -5.19
N VAL A 105 -12.95 -14.55 -5.88
CA VAL A 105 -11.73 -15.34 -6.09
C VAL A 105 -10.74 -14.57 -6.96
N ALA A 106 -9.46 -14.69 -6.61
CA ALA A 106 -8.40 -14.05 -7.39
C ALA A 106 -7.52 -15.10 -8.04
N ARG A 107 -6.65 -15.74 -7.26
CA ARG A 107 -5.79 -16.80 -7.76
C ARG A 107 -5.90 -18.00 -6.85
N ASP A 108 -5.43 -19.14 -7.34
CA ASP A 108 -5.36 -20.34 -6.51
C ASP A 108 -4.47 -20.15 -5.30
N PRO A 109 -4.73 -20.89 -4.21
CA PRO A 109 -3.81 -20.78 -3.10
C PRO A 109 -2.38 -21.16 -3.50
N ASP A 111 0.81 -22.88 -1.95
CA ASP A 111 1.10 -23.73 -0.80
C ASP A 111 2.41 -24.50 -0.96
N TYR A 112 3.42 -24.08 -0.20
CA TYR A 112 4.72 -24.77 -0.15
C TYR A 112 4.88 -25.56 1.15
N GLY A 113 3.80 -25.65 1.93
CA GLY A 113 3.87 -26.35 3.22
C GLY A 113 4.34 -25.41 4.32
N PHE A 114 5.54 -24.86 4.14
CA PHE A 114 6.10 -23.91 5.10
C PHE A 114 5.81 -22.45 4.75
N TYR A 116 2.29 -20.35 2.96
CA TYR A 116 0.92 -20.58 2.54
C TYR A 116 0.22 -19.25 2.35
N GLY A 117 -0.26 -18.97 1.14
CA GLY A 117 -0.93 -17.70 0.88
C GLY A 117 -2.20 -17.90 0.08
N ARG A 118 -3.17 -17.02 0.33
CA ARG A 118 -4.40 -16.98 -0.44
C ARG A 118 -4.68 -15.58 -0.93
N SER A 119 -5.63 -15.45 -1.85
CA SER A 119 -5.92 -14.13 -2.42
C SER A 119 -7.41 -13.93 -2.65
N PHE A 120 -7.81 -12.68 -2.80
CA PHE A 120 -9.18 -12.34 -3.16
C PHE A 120 -9.20 -10.91 -3.69
N HIS A 121 -10.25 -10.58 -4.45
CA HIS A 121 -10.57 -9.21 -4.78
C HIS A 121 -11.57 -8.69 -3.79
N ASP A 122 -11.37 -7.47 -3.30
CA ASP A 122 -12.29 -6.90 -2.32
C ASP A 122 -13.55 -6.32 -3.01
N LEU A 123 -14.42 -5.60 -2.28
CA LEU A 123 -15.69 -5.16 -2.89
C LEU A 123 -15.50 -4.22 -4.08
N ASP A 124 -14.34 -3.57 -4.16
CA ASP A 124 -14.03 -2.63 -5.23
C ASP A 124 -13.04 -3.22 -6.24
N GLY A 125 -12.78 -4.50 -6.12
CA GLY A 125 -11.91 -5.19 -7.05
C GLY A 125 -10.44 -5.16 -6.65
N HIS A 126 -10.07 -4.43 -5.58
CA HIS A 126 -8.62 -4.37 -5.26
C HIS A 126 -8.18 -5.73 -4.82
N LEU A 127 -7.00 -6.13 -5.29
N LEU A 127 -7.01 -6.15 -5.30
CA LEU A 127 -6.48 -7.49 -5.07
CA LEU A 127 -6.52 -7.50 -5.05
C LEU A 127 -5.66 -7.56 -3.78
C LEU A 127 -5.69 -7.54 -3.77
N TRP A 128 -6.08 -8.45 -2.88
CA TRP A 128 -5.42 -8.68 -1.60
C TRP A 128 -4.85 -10.06 -1.58
N GLU A 129 -3.72 -10.18 -0.88
CA GLU A 129 -3.19 -11.49 -0.48
C GLU A 129 -3.09 -11.54 1.04
N VAL A 130 -3.17 -12.75 1.58
CA VAL A 130 -2.89 -12.99 3.00
C VAL A 130 -1.95 -14.19 3.02
N TRP A 132 1.16 -16.63 5.21
CA TRP A 132 1.98 -17.07 6.34
C TRP A 132 3.27 -17.71 5.84
N SER A 134 6.61 -19.83 7.70
CA SER A 134 7.22 -20.40 8.92
C SER A 134 8.25 -19.46 9.54
N ALA A 135 8.16 -19.29 10.86
CA ALA A 135 9.15 -18.53 11.65
C ALA A 135 10.57 -19.06 11.47
N GLU A 136 10.71 -20.35 11.16
CA GLU A 136 12.02 -20.97 11.00
C GLU A 136 12.61 -20.51 9.67
N ALA A 137 11.73 -19.96 8.85
CA ALA A 137 12.05 -19.43 7.54
C ALA A 137 12.09 -17.89 7.54
N VAL A 138 11.28 -17.25 8.40
CA VAL A 138 11.09 -15.79 8.39
C VAL A 138 11.66 -15.08 9.63
N ASP A 144 18.14 -11.75 6.15
CA ASP A 144 16.75 -11.43 6.51
C ASP A 144 16.55 -10.14 7.34
N ALA A 146 17.11 -5.42 6.73
CA ALA A 146 17.42 -4.33 5.82
C ALA A 146 18.92 -4.16 5.61
N GLN A 147 19.33 -3.98 4.35
CA GLN A 147 20.72 -3.63 3.98
C GLN A 147 20.74 -2.48 2.95
N PRO A 148 21.81 -1.67 2.95
CA PRO A 148 21.91 -0.60 1.96
C PRO A 148 21.90 -1.14 0.54
N VAL A 149 21.34 -0.36 -0.37
CA VAL A 149 21.37 -0.70 -1.80
C VAL A 149 22.78 -0.52 -2.34
N SER B 1 -5.22 -2.45 28.88
CA SER B 1 -4.38 -3.56 28.31
C SER B 1 -3.90 -3.20 26.90
N ASN B 2 -2.62 -3.46 26.63
CA ASN B 2 -2.09 -3.24 25.30
C ASN B 2 -2.70 -4.26 24.29
N ALA B 3 -3.35 -5.31 24.82
CA ALA B 3 -4.10 -6.26 23.98
C ALA B 3 -5.47 -5.72 23.54
N ALA B 5 -5.56 -3.42 21.46
CA ALA B 5 -5.26 -3.30 20.02
C ALA B 5 -5.27 -4.71 19.44
N SER B 6 -5.92 -4.92 18.30
CA SER B 6 -5.88 -6.27 17.72
C SER B 6 -4.46 -6.63 17.19
N GLN B 7 -4.21 -7.92 17.05
CA GLN B 7 -2.95 -8.42 16.54
C GLN B 7 -2.54 -7.70 15.24
N SER B 8 -1.37 -7.09 15.24
CA SER B 8 -0.88 -6.44 14.02
C SER B 8 -0.48 -7.47 12.96
N ARG B 9 -0.50 -7.02 11.71
CA ARG B 9 0.01 -7.79 10.56
C ARG B 9 1.09 -6.95 9.86
N LEU B 10 2.03 -7.61 9.19
CA LEU B 10 2.95 -6.91 8.28
C LEU B 10 2.18 -6.54 7.00
N THR B 11 2.61 -5.45 6.34
CA THR B 11 1.98 -4.99 5.10
C THR B 11 3.00 -5.00 3.99
N PHE B 12 2.66 -5.64 2.88
CA PHE B 12 3.50 -5.59 1.67
C PHE B 12 2.66 -5.01 0.53
N VAL B 13 3.19 -4.02 -0.17
CA VAL B 13 2.50 -3.51 -1.35
C VAL B 13 3.29 -4.01 -2.54
N ASN B 14 2.65 -4.81 -3.39
CA ASN B 14 3.31 -5.36 -4.59
C ASN B 14 3.04 -4.42 -5.74
N LEU B 15 4.10 -3.96 -6.41
CA LEU B 15 3.96 -3.05 -7.56
C LEU B 15 4.72 -3.61 -8.76
N PRO B 16 4.13 -3.53 -9.97
CA PRO B 16 4.84 -4.01 -11.18
C PRO B 16 5.82 -2.94 -11.69
N VAL B 17 7.03 -3.34 -12.03
CA VAL B 17 8.03 -2.39 -12.53
C VAL B 17 8.66 -2.92 -13.82
N ALA B 18 9.00 -2.03 -14.74
CA ALA B 18 9.59 -2.46 -16.01
C ALA B 18 11.02 -2.98 -15.84
N ASP B 19 11.74 -2.38 -14.90
CA ASP B 19 13.14 -2.71 -14.68
C ASP B 19 13.44 -2.68 -13.19
N VAL B 20 13.56 -3.86 -12.61
CA VAL B 20 13.78 -3.98 -11.14
C VAL B 20 15.05 -3.24 -10.69
N ALA B 21 16.15 -3.35 -11.45
CA ALA B 21 17.40 -2.68 -11.04
C ALA B 21 17.26 -1.16 -10.99
N ALA B 22 16.60 -0.58 -12.00
CA ALA B 22 16.36 0.86 -12.06
C ALA B 22 15.44 1.30 -10.91
N SER B 23 14.39 0.52 -10.66
CA SER B 23 13.49 0.84 -9.54
C SER B 23 14.19 0.75 -8.18
N GLN B 24 14.97 -0.31 -7.95
CA GLN B 24 15.72 -0.45 -6.71
C GLN B 24 16.67 0.72 -6.48
N ALA B 25 17.36 1.15 -7.54
CA ALA B 25 18.26 2.29 -7.43
C ALA B 25 17.50 3.60 -7.14
N PHE B 26 16.36 3.78 -7.78
CA PHE B 26 15.52 4.96 -7.55
C PHE B 26 15.14 5.08 -6.07
N PHE B 27 14.60 4.00 -5.52
CA PHE B 27 14.19 4.03 -4.12
C PHE B 27 15.36 4.03 -3.13
N GLY B 28 16.48 3.41 -3.52
CA GLY B 28 17.70 3.52 -2.71
C GLY B 28 18.17 4.99 -2.57
N THR B 29 18.06 5.77 -3.64
CA THR B 29 18.39 7.20 -3.58
C THR B 29 17.49 7.98 -2.61
N LEU B 30 16.27 7.51 -2.46
CA LEU B 30 15.31 8.09 -1.50
C LEU B 30 15.52 7.62 -0.07
N GLY B 31 16.57 6.83 0.15
CA GLY B 31 16.95 6.42 1.49
C GLY B 31 16.44 5.08 1.94
N PHE B 32 15.71 4.36 1.08
CA PHE B 32 15.21 3.04 1.46
C PHE B 32 16.27 1.95 1.34
N GLU B 33 16.31 1.08 2.34
CA GLU B 33 17.12 -0.15 2.29
C GLU B 33 16.28 -1.29 1.78
N PHE B 34 16.92 -2.41 1.47
CA PHE B 34 16.26 -3.53 0.85
C PHE B 34 16.62 -4.79 1.59
N ASN B 35 15.70 -5.74 1.66
CA ASN B 35 15.98 -6.99 2.34
C ASN B 35 16.55 -8.02 1.35
N PRO B 36 17.82 -8.40 1.49
CA PRO B 36 18.44 -9.29 0.50
C PRO B 36 17.76 -10.64 0.40
N LYS B 37 17.20 -11.15 1.49
CA LYS B 37 16.63 -12.50 1.43
C LYS B 37 15.45 -12.54 0.45
N PHE B 38 14.80 -11.39 0.27
CA PHE B 38 13.62 -11.33 -0.60
C PHE B 38 13.82 -10.47 -1.82
N THR B 39 15.08 -10.30 -2.18
CA THR B 39 15.47 -9.48 -3.33
C THR B 39 16.29 -10.31 -4.32
N ASP B 40 15.89 -10.27 -5.57
CA ASP B 40 16.67 -10.86 -6.65
C ASP B 40 16.37 -10.08 -7.94
N GLU B 41 16.73 -10.67 -9.09
CA GLU B 41 16.58 -9.96 -10.37
C GLU B 41 15.13 -9.69 -10.74
N SER B 42 14.21 -10.46 -10.15
CA SER B 42 12.80 -10.39 -10.53
C SER B 42 11.95 -9.61 -9.52
N CYS B 43 12.52 -9.27 -8.36
CA CYS B 43 11.72 -8.66 -7.30
C CYS B 43 12.63 -8.03 -6.30
N ALA B 44 12.44 -6.75 -5.98
CA ALA B 44 13.23 -6.11 -4.93
C ALA B 44 12.33 -5.78 -3.76
N CYS B 45 12.76 -6.21 -2.57
CA CYS B 45 12.00 -6.00 -1.34
C CYS B 45 12.44 -4.72 -0.63
N VAL B 47 12.32 -1.87 2.13
CA VAL B 47 11.89 -1.83 3.55
C VAL B 47 11.47 -0.40 3.87
N VAL B 48 10.19 -0.19 4.18
CA VAL B 48 9.72 1.14 4.60
C VAL B 48 9.85 1.26 6.11
N SER B 49 9.52 0.18 6.83
CA SER B 49 9.71 0.10 8.28
C SER B 49 9.76 -1.36 8.65
N GLU B 50 9.87 -1.63 9.94
CA GLU B 50 9.86 -3.00 10.48
C GLU B 50 8.62 -3.77 10.03
N GLN B 51 7.53 -3.04 9.75
CA GLN B 51 6.25 -3.71 9.47
C GLN B 51 5.63 -3.36 8.12
N ALA B 52 6.38 -2.71 7.24
CA ALA B 52 5.82 -2.36 5.92
C ALA B 52 6.89 -2.41 4.85
N PHE B 53 6.55 -3.00 3.71
CA PHE B 53 7.50 -3.27 2.62
C PHE B 53 6.83 -3.00 1.30
N VAL B 54 7.61 -2.66 0.31
CA VAL B 54 7.11 -2.54 -1.04
C VAL B 54 7.89 -3.50 -1.90
N LEU B 56 8.97 -4.53 -5.41
CA LEU B 56 9.08 -4.03 -6.78
C LEU B 56 9.32 -5.24 -7.69
N ILE B 57 8.27 -5.64 -8.39
CA ILE B 57 8.26 -6.96 -9.07
C ILE B 57 8.32 -6.74 -10.57
N ASP B 58 9.23 -7.45 -11.24
CA ASP B 58 9.30 -7.33 -12.69
C ASP B 58 7.91 -7.53 -13.27
N ARG B 59 7.54 -6.67 -14.24
CA ARG B 59 6.19 -6.63 -14.76
C ARG B 59 5.75 -7.99 -15.36
N ALA B 60 6.66 -8.71 -16.01
CA ALA B 60 6.33 -10.02 -16.58
C ALA B 60 5.98 -11.03 -15.49
N ARG B 61 6.73 -10.97 -14.39
CA ARG B 61 6.46 -11.84 -13.26
C ARG B 61 5.17 -11.43 -12.52
N PHE B 62 4.92 -10.13 -12.43
CA PHE B 62 3.74 -9.65 -11.73
C PHE B 62 2.46 -10.25 -12.33
N ALA B 63 2.48 -10.50 -13.63
CA ALA B 63 1.32 -11.12 -14.29
C ALA B 63 0.91 -12.45 -13.65
N ASP B 64 1.84 -13.14 -12.98
CA ASP B 64 1.51 -14.40 -12.27
C ASP B 64 0.53 -14.21 -11.10
N PHE B 65 0.42 -12.98 -10.62
CA PHE B 65 -0.26 -12.74 -9.36
C PHE B 65 -1.69 -12.27 -9.55
N THR B 66 -2.08 -12.09 -10.81
CA THR B 66 -3.40 -11.55 -11.10
C THR B 66 -3.95 -12.13 -12.39
N SER B 67 -5.27 -12.31 -12.47
CA SER B 67 -5.90 -12.76 -13.68
C SER B 67 -6.26 -11.58 -14.61
N LYS B 68 -6.05 -10.35 -14.15
CA LYS B 68 -6.39 -9.15 -14.93
C LYS B 68 -5.15 -8.65 -15.70
N PRO B 69 -5.36 -7.93 -16.82
CA PRO B 69 -4.20 -7.25 -17.43
C PRO B 69 -3.58 -6.27 -16.45
N ILE B 70 -2.28 -6.07 -16.56
CA ILE B 70 -1.59 -5.13 -15.67
C ILE B 70 -1.90 -3.70 -16.12
N ALA B 71 -2.23 -2.85 -15.14
CA ALA B 71 -2.53 -1.45 -15.41
C ALA B 71 -1.33 -0.66 -15.93
N ASP B 72 -1.63 0.37 -16.73
CA ASP B 72 -0.64 1.35 -17.13
C ASP B 72 -0.80 2.51 -16.15
N ALA B 73 0.09 2.62 -15.17
CA ALA B 73 -0.08 3.65 -14.11
C ALA B 73 0.15 5.07 -14.63
N THR B 74 0.70 5.20 -15.83
CA THR B 74 0.80 6.53 -16.47
C THR B 74 -0.53 6.97 -17.08
N ALA B 75 -1.50 6.06 -17.19
CA ALA B 75 -2.81 6.33 -17.78
C ALA B 75 -3.97 6.33 -16.76
N THR B 76 -3.82 5.56 -15.68
CA THR B 76 -4.87 5.40 -14.67
C THR B 76 -4.21 5.23 -13.31
N THR B 77 -4.97 5.54 -12.27
CA THR B 77 -4.47 5.40 -10.88
C THR B 77 -5.39 4.50 -10.07
N GLU B 78 -4.84 3.42 -9.51
CA GLU B 78 -5.62 2.49 -8.68
C GLU B 78 -5.31 2.70 -7.21
N ALA B 79 -4.11 3.19 -6.92
CA ALA B 79 -3.67 3.27 -5.52
C ALA B 79 -2.62 4.34 -5.41
N ILE B 80 -2.47 4.89 -4.21
CA ILE B 80 -1.41 5.85 -3.90
C ILE B 80 -0.68 5.33 -2.67
N VAL B 81 0.65 5.27 -2.73
CA VAL B 81 1.41 4.89 -1.54
C VAL B 81 1.95 6.17 -0.91
N CYS B 82 1.56 6.46 0.33
CA CYS B 82 2.02 7.67 1.03
C CYS B 82 2.95 7.20 2.16
N VAL B 83 4.10 7.85 2.30
CA VAL B 83 4.98 7.55 3.42
C VAL B 83 5.11 8.82 4.28
N SER B 84 5.34 8.64 5.58
CA SER B 84 5.45 9.81 6.47
C SER B 84 6.84 10.42 6.37
N ALA B 85 6.93 11.65 6.84
CA ALA B 85 8.17 12.39 6.90
C ALA B 85 8.28 13.02 8.30
N ILE B 86 9.51 13.22 8.78
CA ILE B 86 9.76 13.67 10.15
C ILE B 86 9.50 15.15 10.33
N ASP B 87 9.68 15.93 9.26
CA ASP B 87 9.45 17.37 9.28
C ASP B 87 9.26 17.88 7.87
N ARG B 88 8.93 19.16 7.74
CA ARG B 88 8.64 19.73 6.42
C ARG B 88 9.86 19.67 5.47
N ASP B 89 11.07 19.84 6.01
CA ASP B 89 12.27 19.75 5.18
C ASP B 89 12.46 18.35 4.61
N ASP B 90 12.08 17.30 5.36
CA ASP B 90 12.15 15.91 4.88
C ASP B 90 11.19 15.72 3.71
N VAL B 91 9.97 16.28 3.79
CA VAL B 91 9.02 16.25 2.65
C VAL B 91 9.68 16.83 1.39
N ASP B 92 10.29 18.02 1.52
CA ASP B 92 10.93 18.66 0.39
C ASP B 92 12.15 17.90 -0.13
N ARG B 93 13.00 17.40 0.77
CA ARG B 93 14.19 16.68 0.34
C ARG B 93 13.77 15.41 -0.41
N PHE B 94 12.80 14.68 0.14
CA PHE B 94 12.35 13.42 -0.45
C PHE B 94 11.73 13.70 -1.84
N ALA B 95 10.79 14.64 -1.91
CA ALA B 95 10.11 14.91 -3.17
C ALA B 95 11.07 15.53 -4.22
N ASP B 96 11.94 16.44 -3.78
CA ASP B 96 12.91 17.05 -4.71
C ASP B 96 13.82 15.97 -5.32
N THR B 97 14.27 15.04 -4.47
CA THR B 97 15.16 13.95 -4.87
C THR B 97 14.43 13.07 -5.89
N ALA B 98 13.18 12.73 -5.59
CA ALA B 98 12.41 11.88 -6.50
C ALA B 98 12.25 12.54 -7.87
N LEU B 99 11.93 13.83 -7.85
CA LEU B 99 11.75 14.59 -9.09
C LEU B 99 13.04 14.72 -9.88
N GLY B 100 14.16 14.83 -9.19
CA GLY B 100 15.45 14.97 -9.85
C GLY B 100 16.00 13.65 -10.37
N ALA B 101 15.35 12.54 -10.00
CA ALA B 101 15.82 11.20 -10.34
C ALA B 101 14.88 10.48 -11.30
N GLY B 102 14.02 11.23 -11.97
CA GLY B 102 13.16 10.64 -12.98
C GLY B 102 11.71 10.54 -12.59
N GLY B 103 11.39 10.90 -11.34
CA GLY B 103 9.99 11.08 -10.95
C GLY B 103 9.34 12.25 -11.66
N THR B 104 8.01 12.23 -11.77
CA THR B 104 7.30 13.32 -12.43
C THR B 104 6.21 13.90 -11.51
N VAL B 105 5.90 15.17 -11.68
CA VAL B 105 4.94 15.85 -10.81
C VAL B 105 3.58 15.19 -10.88
N ALA B 106 2.94 14.97 -9.73
CA ALA B 106 1.58 14.39 -9.70
C ALA B 106 0.48 15.42 -9.39
N ARG B 107 0.71 16.25 -8.40
CA ARG B 107 -0.25 17.28 -7.93
C ARG B 107 0.58 18.38 -7.28
N ASP B 108 0.05 19.60 -7.19
CA ASP B 108 0.76 20.65 -6.45
C ASP B 108 1.01 20.22 -4.99
N PRO B 109 2.07 20.76 -4.34
CA PRO B 109 2.27 20.51 -2.93
C PRO B 109 1.04 20.93 -2.15
N ASP B 111 -0.18 22.14 1.37
CA ASP B 111 0.24 22.70 2.67
C ASP B 111 -1.02 23.10 3.45
N TYR B 112 -1.37 22.27 4.43
CA TYR B 112 -2.48 22.59 5.35
C TYR B 112 -1.96 23.18 6.66
N GLY B 113 -0.64 23.38 6.78
CA GLY B 113 -0.06 23.95 7.99
C GLY B 113 0.23 22.88 9.02
N PHE B 114 -0.81 22.18 9.46
CA PHE B 114 -0.64 21.04 10.37
C PHE B 114 -0.22 19.78 9.62
N TYR B 116 1.76 18.71 5.65
CA TYR B 116 2.42 19.16 4.43
C TYR B 116 2.83 17.94 3.64
N GLY B 117 2.37 17.87 2.40
CA GLY B 117 2.68 16.73 1.53
C GLY B 117 3.04 17.11 0.12
N ARG B 118 3.85 16.28 -0.51
CA ARG B 118 4.14 16.40 -1.94
C ARG B 118 4.02 15.04 -2.60
N SER B 119 3.75 15.04 -3.88
CA SER B 119 3.47 13.78 -4.59
C SER B 119 4.17 13.73 -5.92
N PHE B 120 4.41 12.51 -6.39
CA PHE B 120 5.10 12.31 -7.67
C PHE B 120 4.73 10.95 -8.22
N HIS B 121 4.89 10.76 -9.52
CA HIS B 121 4.77 9.44 -10.12
C HIS B 121 6.14 8.89 -10.27
N ASP B 122 6.31 7.62 -9.94
CA ASP B 122 7.67 7.03 -9.95
C ASP B 122 8.05 6.62 -11.39
N LEU B 123 9.16 5.88 -11.57
CA LEU B 123 9.61 5.56 -12.94
C LEU B 123 8.60 4.75 -13.74
N ASP B 124 7.70 4.08 -13.03
CA ASP B 124 6.70 3.24 -13.64
C ASP B 124 5.31 3.86 -13.58
N GLY B 125 5.26 5.12 -13.15
CA GLY B 125 3.99 5.85 -13.08
C GLY B 125 3.19 5.66 -11.79
N HIS B 126 3.67 4.80 -10.88
CA HIS B 126 2.92 4.65 -9.62
C HIS B 126 2.98 5.93 -8.82
N LEU B 127 1.86 6.29 -8.23
N LEU B 127 1.85 6.29 -8.23
CA LEU B 127 1.73 7.57 -7.56
CA LEU B 127 1.72 7.58 -7.56
C LEU B 127 2.11 7.46 -6.09
C LEU B 127 2.09 7.47 -6.09
N TRP B 128 3.10 8.24 -5.68
CA TRP B 128 3.59 8.30 -4.30
C TRP B 128 3.35 9.64 -3.68
N GLU B 129 3.13 9.65 -2.36
N GLU B 129 3.14 9.66 -2.37
CA GLU B 129 3.08 10.90 -1.57
CA GLU B 129 3.16 10.91 -1.61
C GLU B 129 4.06 10.79 -0.41
C GLU B 129 4.09 10.78 -0.43
N VAL B 130 4.68 11.89 -0.03
CA VAL B 130 5.48 11.96 1.20
C VAL B 130 4.84 13.08 1.99
N TRP B 132 4.24 15.05 6.01
CA TRP B 132 4.50 15.31 7.41
C TRP B 132 3.22 15.81 8.02
N SER B 134 1.83 17.31 12.03
CA SER B 134 2.23 17.65 13.40
C SER B 134 1.72 16.62 14.42
N ALA B 135 2.37 16.57 15.57
CA ALA B 135 1.95 15.66 16.64
C ALA B 135 0.49 15.91 17.02
N GLU B 136 0.12 17.18 17.04
CA GLU B 136 -1.24 17.59 17.34
C GLU B 136 -2.25 17.00 16.31
N ALA B 137 -1.91 17.05 15.02
CA ALA B 137 -2.79 16.50 13.99
C ALA B 137 -2.84 14.98 14.08
N VAL B 138 -1.71 14.35 14.40
CA VAL B 138 -1.66 12.88 14.54
C VAL B 138 -2.59 12.40 15.66
N GLU B 139 -2.63 13.13 16.77
N GLU B 139 -2.69 13.19 16.73
CA GLU B 139 -3.50 12.74 17.88
CA GLU B 139 -3.42 12.81 17.94
C GLU B 139 -4.95 13.13 17.60
C GLU B 139 -4.87 13.32 17.97
N GLN B 140 -5.15 14.37 17.20
CA GLN B 140 -6.50 14.94 17.08
C GLN B 140 -7.22 14.61 15.78
N GLY B 141 -6.46 14.37 14.72
CA GLY B 141 -7.04 14.15 13.39
C GLY B 141 -7.15 15.48 12.68
N PRO B 142 -7.15 15.47 11.35
CA PRO B 142 -7.19 16.71 10.57
C PRO B 142 -8.49 17.49 10.76
N ALA B 143 -9.59 16.77 10.98
CA ALA B 143 -10.93 17.36 11.15
C ALA B 143 -10.98 18.40 12.27
N ASP B 144 -10.32 18.12 13.39
CA ASP B 144 -10.28 19.06 14.51
C ASP B 144 -9.31 20.22 14.34
#